data_8PGF
#
_entry.id   8PGF
#
_cell.length_a   39.497
_cell.length_b   67.627
_cell.length_c   40.267
_cell.angle_alpha   90.000
_cell.angle_beta   93.530
_cell.angle_gamma   90.000
#
_symmetry.space_group_name_H-M   'P 1 21 1'
#
loop_
_entity.id
_entity.type
_entity.pdbx_description
1 polymer 'Beta-lactamase VIM-1'
2 non-polymer 'ZINC ION'
3 non-polymer '7-[(1~{S})-1-[[4-(aminomethyl)phenyl]carbonylamino]ethyl]-3-[6-(morpholin-4-ylmethyl)pyridin-3-yl]-1~{H}-indole-2-carboxylic acid'
4 water water
#
_entity_poly.entity_id   1
_entity_poly.type   'polypeptide(L)'
_entity_poly.pdbx_seq_one_letter_code
;MLKVISSLLVYMTASVMAVASPLAHSGEPSGEYPTVNEIPVGEVRLYQIADGVWSHIATQSFDGAVYPSNGLIVRDGDEL
LLIDTAWGAKNTAALLAEIEKQIGLPVTRAVSTHFHDDRVGGVDVLRAAGVATYASPSTRRLAEAEGNEIPTHSLEGLSS
SGDAVRFGPVELFYPGAAHSTDNLVVYVPSANVLYGGCAVHELSSTSAGNVADADLAEWPTSVERIQKHYPEAEVVIPGH
GLPGGLDLLQHTANVVKAHKNRSVAE
;
_entity_poly.pdbx_strand_id   A
#
loop_
_chem_comp.id
_chem_comp.type
_chem_comp.name
_chem_comp.formula
XMU non-polymer '7-[(1~{S})-1-[[4-(aminomethyl)phenyl]carbonylamino]ethyl]-3-[6-(morpholin-4-ylmethyl)pyridin-3-yl]-1~{H}-indole-2-carboxylic acid' 'C29 H31 N5 O4'
ZN non-polymer 'ZINC ION' 'Zn 2'
#
# COMPACT_ATOMS: atom_id res chain seq x y z
N SER A 30 0.71 -14.41 16.95
CA SER A 30 1.76 -14.53 17.97
C SER A 30 3.16 -14.21 17.44
N GLY A 31 3.29 -13.14 16.68
CA GLY A 31 4.57 -12.73 16.13
C GLY A 31 4.82 -13.02 14.67
N GLU A 32 4.16 -14.00 14.06
CA GLU A 32 4.33 -14.21 12.62
C GLU A 32 3.55 -13.17 11.84
N TYR A 33 3.85 -13.03 10.54
CA TYR A 33 3.14 -12.03 9.77
C TYR A 33 1.72 -12.53 9.61
N PRO A 34 0.72 -11.73 9.87
CA PRO A 34 -0.61 -12.29 9.83
C PRO A 34 -1.19 -12.45 8.46
N THR A 35 -1.79 -13.67 8.19
N THR A 35 -2.35 -13.01 8.60
CA THR A 35 -2.33 -14.10 6.88
CA THR A 35 -3.07 -13.44 7.47
C THR A 35 -3.88 -14.06 6.78
C THR A 35 -4.53 -13.35 7.83
N VAL A 36 -4.46 -14.19 5.53
N VAL A 36 -5.34 -13.56 6.81
CA VAL A 36 -5.85 -13.80 5.30
CA VAL A 36 -6.76 -13.55 7.03
C VAL A 36 -6.81 -14.53 6.22
C VAL A 36 -7.16 -14.48 8.15
N ASN A 37 -6.59 -15.84 6.43
N ASN A 37 -6.43 -15.57 8.33
CA ASN A 37 -7.48 -16.63 7.26
CA ASN A 37 -6.82 -16.54 9.32
C ASN A 37 -7.35 -16.32 8.73
C ASN A 37 -6.48 -16.13 10.73
N GLU A 38 -6.37 -15.50 9.11
N GLU A 38 -5.76 -15.04 10.94
CA GLU A 38 -6.16 -15.17 10.52
CA GLU A 38 -5.44 -14.59 12.30
C GLU A 38 -6.76 -13.81 10.90
C GLU A 38 -5.94 -13.19 12.62
N ILE A 39 -7.34 -13.08 9.95
N ILE A 39 -6.74 -12.59 11.75
CA ILE A 39 -7.87 -11.74 10.20
CA ILE A 39 -7.33 -11.29 12.03
C ILE A 39 -9.33 -11.70 9.76
C ILE A 39 -8.82 -11.52 12.29
N PRO A 40 -10.30 -11.63 10.68
N PRO A 40 -9.31 -11.24 13.48
CA PRO A 40 -11.69 -11.46 10.24
CA PRO A 40 -10.72 -11.43 13.75
C PRO A 40 -11.85 -10.13 9.53
C PRO A 40 -11.56 -10.58 12.82
N VAL A 41 -12.76 -10.07 8.58
N VAL A 41 -12.83 -10.94 12.69
CA VAL A 41 -13.02 -8.79 7.98
CA VAL A 41 -13.72 -10.26 11.74
C VAL A 41 -13.60 -7.82 8.99
C VAL A 41 -13.83 -8.78 12.03
N GLY A 42 -13.02 -6.66 9.04
N GLY A 42 -13.64 -7.98 11.01
CA GLY A 42 -13.33 -5.67 10.06
CA GLY A 42 -13.76 -6.54 11.13
C GLY A 42 -12.28 -5.46 11.13
C GLY A 42 -12.58 -5.86 11.79
N GLU A 43 -11.36 -6.37 11.27
N GLU A 43 -11.44 -6.56 11.89
CA GLU A 43 -10.31 -6.26 12.29
CA GLU A 43 -10.33 -6.02 12.67
C GLU A 43 -9.00 -5.88 11.63
C GLU A 43 -9.15 -5.75 11.73
N VAL A 44 -8.12 -5.18 12.37
CA VAL A 44 -6.86 -4.78 11.76
C VAL A 44 -5.74 -5.22 12.70
N ARG A 45 -4.66 -5.74 12.11
N ARG A 45 -4.66 -5.69 12.08
CA ARG A 45 -3.46 -6.01 12.86
CA ARG A 45 -3.45 -6.00 12.81
C ARG A 45 -2.34 -5.08 12.40
C ARG A 45 -2.28 -5.14 12.35
N LEU A 46 -1.39 -4.83 13.30
CA LEU A 46 -0.17 -4.14 12.99
C LEU A 46 1.00 -5.10 13.15
N TYR A 47 2.06 -4.85 12.40
CA TYR A 47 3.28 -5.67 12.45
C TYR A 47 4.48 -4.76 12.43
N GLN A 48 5.32 -4.84 13.43
CA GLN A 48 6.51 -4.01 13.48
C GLN A 48 7.52 -4.47 12.47
N ILE A 49 7.90 -3.60 11.54
CA ILE A 49 8.84 -3.88 10.49
C ILE A 49 10.25 -3.50 10.88
N ALA A 50 10.39 -2.32 11.48
CA ALA A 50 11.68 -1.76 11.90
C ALA A 50 11.35 -0.67 12.91
N ASP A 51 12.39 -0.05 13.49
CA ASP A 51 12.16 1.04 14.42
CA ASP A 51 12.14 1.02 14.43
C ASP A 51 11.35 2.14 13.74
N GLY A 52 10.20 2.47 14.31
CA GLY A 52 9.36 3.50 13.73
C GLY A 52 8.65 3.16 12.43
N VAL A 53 8.58 1.89 12.07
CA VAL A 53 7.90 1.45 10.87
C VAL A 53 7.06 0.23 11.18
N TRP A 54 5.76 0.27 10.83
CA TRP A 54 4.85 -0.84 10.98
C TRP A 54 4.16 -1.04 9.64
N SER A 55 3.76 -2.26 9.36
CA SER A 55 2.70 -2.49 8.39
C SER A 55 1.37 -2.65 9.09
N HIS A 56 0.28 -2.36 8.38
CA HIS A 56 -1.06 -2.66 8.81
C HIS A 56 -1.67 -3.66 7.85
N ILE A 57 -2.42 -4.59 8.39
CA ILE A 57 -3.01 -5.70 7.64
C ILE A 57 -4.48 -5.79 7.96
N ALA A 58 -5.30 -5.83 6.93
CA ALA A 58 -6.73 -5.95 7.10
C ALA A 58 -7.26 -6.91 6.03
N THR A 59 -8.53 -7.29 6.13
CA THR A 59 -9.07 -8.18 5.12
CA THR A 59 -9.15 -8.24 5.22
C THR A 59 -10.41 -7.63 4.64
N GLN A 60 -10.71 -7.91 3.39
CA GLN A 60 -11.94 -7.40 2.80
C GLN A 60 -12.45 -8.40 1.78
N SER A 61 -13.76 -8.31 1.57
N SER A 61 -13.74 -8.40 1.58
CA SER A 61 -14.47 -9.07 0.56
CA SER A 61 -14.31 -9.20 0.53
C SER A 61 -14.54 -8.24 -0.71
C SER A 61 -14.59 -8.32 -0.70
N PHE A 62 -14.33 -8.90 -1.85
CA PHE A 62 -14.48 -8.25 -3.15
C PHE A 62 -14.88 -9.29 -4.16
N ASP A 63 -16.02 -9.09 -4.84
CA ASP A 63 -16.50 -10.04 -5.80
C ASP A 63 -16.60 -11.44 -5.22
N GLY A 64 -16.99 -11.53 -3.94
CA GLY A 64 -17.25 -12.84 -3.39
C GLY A 64 -16.04 -13.64 -2.96
N ALA A 65 -14.89 -13.02 -2.82
CA ALA A 65 -13.76 -13.68 -2.20
C ALA A 65 -13.11 -12.71 -1.21
N VAL A 66 -12.37 -13.29 -0.27
CA VAL A 66 -11.72 -12.53 0.81
C VAL A 66 -10.24 -12.42 0.55
N TYR A 67 -9.72 -11.22 0.72
CA TYR A 67 -8.35 -10.93 0.46
C TYR A 67 -7.73 -10.14 1.61
N PRO A 68 -6.46 -10.38 1.91
CA PRO A 68 -5.72 -9.49 2.79
C PRO A 68 -5.18 -8.30 1.99
N SER A 69 -4.73 -7.28 2.74
N SER A 69 -4.83 -7.23 2.71
CA SER A 69 -4.12 -6.10 2.15
CA SER A 69 -4.06 -6.17 2.08
C SER A 69 -3.23 -5.44 3.18
C SER A 69 -3.25 -5.43 3.11
N ASN A 70 -2.11 -4.90 2.71
CA ASN A 70 -1.15 -4.19 3.54
C ASN A 70 -1.22 -2.68 3.33
N GLY A 71 -0.85 -1.96 4.37
CA GLY A 71 -0.42 -0.56 4.30
C GLY A 71 0.76 -0.33 5.19
N LEU A 72 1.15 0.91 5.37
CA LEU A 72 2.33 1.24 6.15
C LEU A 72 2.01 2.35 7.15
N ILE A 73 2.75 2.35 8.27
CA ILE A 73 2.70 3.44 9.26
C ILE A 73 4.15 3.81 9.55
N VAL A 74 4.47 5.11 9.48
CA VAL A 74 5.84 5.54 9.71
C VAL A 74 5.82 6.65 10.76
N ARG A 75 6.59 6.46 11.83
N ARG A 75 6.58 6.46 11.82
CA ARG A 75 6.71 7.47 12.88
CA ARG A 75 6.70 7.49 12.82
C ARG A 75 7.40 8.72 12.35
C ARG A 75 7.35 8.74 12.26
N ASP A 76 6.77 9.88 12.62
CA ASP A 76 7.08 11.22 12.04
C ASP A 76 7.19 12.14 13.28
N GLY A 77 8.25 11.99 14.06
CA GLY A 77 8.38 12.64 15.40
C GLY A 77 7.37 12.15 16.45
N ASP A 78 6.49 13.01 16.92
CA ASP A 78 5.39 12.59 17.78
C ASP A 78 4.09 12.50 17.03
N GLU A 79 4.16 12.36 15.71
CA GLU A 79 3.00 12.09 14.88
C GLU A 79 3.28 10.84 14.03
N LEU A 80 2.26 10.40 13.30
CA LEU A 80 2.39 9.27 12.37
C LEU A 80 1.96 9.69 10.96
N LEU A 81 2.67 9.14 9.98
CA LEU A 81 2.30 9.16 8.57
C LEU A 81 1.73 7.79 8.24
N LEU A 82 0.56 7.79 7.63
CA LEU A 82 -0.11 6.57 7.17
C LEU A 82 0.06 6.45 5.67
N ILE A 83 0.37 5.25 5.19
CA ILE A 83 0.36 4.93 3.79
C ILE A 83 -0.74 3.92 3.55
N ASP A 84 -1.76 4.33 2.79
CA ASP A 84 -2.92 3.55 2.35
C ASP A 84 -3.91 3.29 3.46
N THR A 85 -5.18 3.28 3.07
CA THR A 85 -6.25 2.88 3.97
C THR A 85 -6.20 1.39 4.23
N ALA A 86 -7.11 0.94 5.10
CA ALA A 86 -7.26 -0.49 5.40
C ALA A 86 -8.36 -1.16 4.59
N TRP A 87 -8.70 -0.58 3.43
CA TRP A 87 -9.65 -1.16 2.48
C TRP A 87 -11.05 -1.17 3.03
N GLY A 88 -11.63 0.02 3.12
CA GLY A 88 -13.00 0.20 3.56
C GLY A 88 -13.16 1.12 4.73
N ALA A 89 -14.34 1.68 4.88
CA ALA A 89 -14.61 2.64 5.95
C ALA A 89 -14.50 1.99 7.32
N LYS A 90 -15.21 0.88 7.52
N LYS A 90 -15.16 0.84 7.52
CA LYS A 90 -15.16 0.21 8.81
CA LYS A 90 -15.12 0.27 8.86
C LYS A 90 -13.75 -0.28 9.14
C LYS A 90 -13.76 -0.34 9.18
N ASN A 91 -13.09 -0.93 8.18
CA ASN A 91 -11.72 -1.35 8.39
C ASN A 91 -10.80 -0.17 8.77
N THR A 92 -10.97 0.97 8.11
CA THR A 92 -10.13 2.12 8.39
C THR A 92 -10.40 2.71 9.77
N ALA A 93 -11.65 2.75 10.21
CA ALA A 93 -11.94 3.12 11.59
C ALA A 93 -11.24 2.16 12.54
N ALA A 94 -11.31 0.88 12.25
CA ALA A 94 -10.65 -0.12 13.10
C ALA A 94 -9.13 0.06 13.11
N LEU A 95 -8.57 0.47 11.94
CA LEU A 95 -7.14 0.76 11.86
C LEU A 95 -6.77 1.89 12.82
N LEU A 96 -7.52 2.98 12.79
CA LEU A 96 -7.23 4.09 13.68
C LEU A 96 -7.30 3.66 15.14
N ALA A 97 -8.29 2.82 15.50
CA ALA A 97 -8.39 2.34 16.87
C ALA A 97 -7.20 1.47 17.23
N GLU A 98 -6.78 0.63 16.32
CA GLU A 98 -5.63 -0.25 16.57
C GLU A 98 -4.33 0.55 16.76
N ILE A 99 -4.15 1.59 15.93
CA ILE A 99 -3.02 2.48 16.09
C ILE A 99 -3.03 3.15 17.46
N GLU A 100 -4.20 3.61 17.90
CA GLU A 100 -4.26 4.25 19.21
C GLU A 100 -3.91 3.29 20.33
N LYS A 101 -4.36 2.05 20.21
CA LYS A 101 -4.08 1.02 21.19
C LYS A 101 -2.60 0.66 21.22
N GLN A 102 -1.99 0.45 20.05
CA GLN A 102 -0.66 -0.11 19.99
C GLN A 102 0.45 0.92 19.97
N ILE A 103 0.19 2.10 19.46
CA ILE A 103 1.21 3.13 19.24
C ILE A 103 0.91 4.40 20.03
N GLY A 104 -0.32 4.88 19.97
CA GLY A 104 -0.74 6.00 20.81
C GLY A 104 -0.25 7.35 20.36
N LEU A 105 0.13 7.52 19.09
CA LEU A 105 0.45 8.80 18.52
C LEU A 105 -0.55 9.12 17.43
N PRO A 106 -0.80 10.36 17.17
CA PRO A 106 -1.85 10.73 16.23
C PRO A 106 -1.41 10.56 14.79
N VAL A 107 -2.30 10.03 13.97
CA VAL A 107 -2.11 10.03 12.51
C VAL A 107 -2.48 11.40 12.00
N THR A 108 -1.53 12.09 11.39
CA THR A 108 -1.79 13.43 10.89
C THR A 108 -1.91 13.54 9.39
N ARG A 109 -1.28 12.64 8.64
CA ARG A 109 -1.27 12.69 7.20
C ARG A 109 -1.36 11.26 6.69
N ALA A 110 -1.95 11.12 5.49
CA ALA A 110 -2.02 9.83 4.81
C ALA A 110 -1.73 10.08 3.35
N VAL A 111 -1.06 9.09 2.73
CA VAL A 111 -0.83 9.04 1.30
C VAL A 111 -1.45 7.76 0.77
N SER A 112 -2.21 7.87 -0.31
CA SER A 112 -2.76 6.70 -1.01
C SER A 112 -1.91 6.45 -2.26
N THR A 113 -1.50 5.20 -2.47
CA THR A 113 -0.50 4.89 -3.48
C THR A 113 -1.08 4.50 -4.84
N HIS A 114 -2.39 4.28 -4.94
CA HIS A 114 -3.12 4.29 -6.22
C HIS A 114 -4.59 4.42 -5.92
N PHE A 115 -5.42 4.36 -6.96
CA PHE A 115 -6.80 4.79 -6.88
C PHE A 115 -7.78 3.72 -6.44
N HIS A 116 -7.34 2.47 -6.33
CA HIS A 116 -8.25 1.37 -6.00
C HIS A 116 -8.73 1.48 -4.55
N ASP A 117 -9.83 0.79 -4.26
N ASP A 117 -9.76 0.68 -4.24
CA ASP A 117 -10.45 0.82 -2.93
CA ASP A 117 -10.42 0.78 -2.95
C ASP A 117 -9.55 0.32 -1.78
C ASP A 117 -9.53 0.34 -1.79
N ASP A 118 -8.62 -0.59 -2.05
CA ASP A 118 -7.69 -1.02 -1.01
C ASP A 118 -6.67 0.07 -0.66
N ARG A 119 -6.70 1.20 -1.31
CA ARG A 119 -5.79 2.29 -1.08
C ARG A 119 -6.49 3.57 -0.65
N VAL A 120 -7.69 3.83 -1.22
CA VAL A 120 -8.44 5.05 -0.92
C VAL A 120 -9.73 4.76 -0.17
N GLY A 121 -10.22 3.51 -0.10
CA GLY A 121 -11.51 3.27 0.57
C GLY A 121 -11.27 3.37 2.06
N GLY A 122 -11.86 4.41 2.67
CA GLY A 122 -11.54 4.81 4.02
C GLY A 122 -11.00 6.22 4.13
N VAL A 123 -10.71 6.86 3.00
CA VAL A 123 -10.26 8.23 3.03
C VAL A 123 -11.27 9.17 3.67
N ASP A 124 -12.56 8.95 3.46
CA ASP A 124 -13.55 9.81 4.11
C ASP A 124 -13.49 9.66 5.63
N VAL A 125 -13.33 8.42 6.12
CA VAL A 125 -13.13 8.19 7.55
C VAL A 125 -11.92 8.96 8.03
N LEU A 126 -10.80 8.85 7.32
CA LEU A 126 -9.57 9.54 7.74
C LEU A 126 -9.80 11.03 7.80
N ARG A 127 -10.34 11.61 6.76
N ARG A 127 -10.46 11.57 6.79
CA ARG A 127 -10.54 13.04 6.76
CA ARG A 127 -10.69 13.01 6.68
C ARG A 127 -11.37 13.45 7.98
C ARG A 127 -11.56 13.52 7.81
N ALA A 128 -12.47 12.73 8.29
CA ALA A 128 -13.30 13.05 9.48
C ALA A 128 -12.64 12.77 10.84
N ALA A 129 -11.50 12.16 10.83
CA ALA A 129 -10.69 11.96 11.99
C ALA A 129 -9.50 12.89 12.07
N GLY A 130 -9.49 13.94 11.24
CA GLY A 130 -8.43 14.94 11.32
C GLY A 130 -7.20 14.64 10.51
N VAL A 131 -7.22 13.62 9.69
CA VAL A 131 -6.08 13.24 8.92
C VAL A 131 -6.15 13.98 7.58
N ALA A 132 -5.05 14.63 7.21
CA ALA A 132 -4.92 15.27 5.88
C ALA A 132 -4.54 14.17 4.89
N THR A 133 -5.34 14.01 3.82
CA THR A 133 -5.16 12.91 2.87
C THR A 133 -4.59 13.45 1.57
N TYR A 134 -3.66 12.68 1.03
CA TYR A 134 -2.87 13.07 -0.13
C TYR A 134 -2.83 11.92 -1.17
N ALA A 135 -2.71 12.32 -2.45
CA ALA A 135 -2.44 11.37 -3.54
C ALA A 135 -1.99 12.17 -4.72
N SER A 136 -1.38 11.50 -5.70
CA SER A 136 -1.01 12.21 -6.91
C SER A 136 -2.26 12.73 -7.61
N PRO A 137 -2.10 13.74 -8.48
CA PRO A 137 -3.25 14.15 -9.31
C PRO A 137 -3.77 13.04 -10.16
N SER A 138 -2.91 12.19 -10.68
N SER A 138 -2.90 12.14 -10.64
CA SER A 138 -3.35 11.04 -11.45
CA SER A 138 -3.35 11.02 -11.46
C SER A 138 -4.30 10.17 -10.62
C SER A 138 -4.25 10.07 -10.68
N THR A 139 -3.87 9.81 -9.42
CA THR A 139 -4.69 9.00 -8.54
C THR A 139 -6.00 9.69 -8.25
N ARG A 140 -5.98 10.99 -7.96
CA ARG A 140 -7.20 11.68 -7.64
C ARG A 140 -8.18 11.68 -8.80
N ARG A 141 -7.68 11.84 -10.03
N ARG A 141 -7.71 11.96 -10.02
CA ARG A 141 -8.54 11.85 -11.19
CA ARG A 141 -8.56 11.86 -11.20
C ARG A 141 -9.13 10.48 -11.46
C ARG A 141 -9.16 10.47 -11.33
N LEU A 142 -8.33 9.44 -11.27
CA LEU A 142 -8.81 8.06 -11.48
C LEU A 142 -9.82 7.67 -10.41
N ALA A 143 -9.58 8.05 -9.14
CA ALA A 143 -10.51 7.75 -8.08
C ALA A 143 -11.84 8.43 -8.35
N GLU A 144 -11.81 9.71 -8.73
CA GLU A 144 -13.04 10.43 -8.99
C GLU A 144 -13.83 9.76 -10.14
N ALA A 145 -13.13 9.39 -11.23
CA ALA A 145 -13.79 8.80 -12.36
C ALA A 145 -14.41 7.47 -12.04
N GLU A 146 -13.80 6.72 -11.16
CA GLU A 146 -14.26 5.38 -10.79
CA GLU A 146 -14.26 5.39 -10.80
C GLU A 146 -15.33 5.38 -9.73
N GLY A 147 -15.56 6.53 -9.07
CA GLY A 147 -16.46 6.59 -7.96
C GLY A 147 -15.88 6.12 -6.65
N ASN A 148 -14.59 6.17 -6.50
CA ASN A 148 -13.92 5.84 -5.26
C ASN A 148 -13.72 7.11 -4.46
N GLU A 149 -13.38 6.94 -3.18
CA GLU A 149 -13.10 8.08 -2.31
C GLU A 149 -11.86 8.83 -2.78
N ILE A 150 -11.85 10.14 -2.56
CA ILE A 150 -10.86 11.00 -3.20
C ILE A 150 -10.03 11.71 -2.14
N PRO A 151 -8.71 11.44 -2.06
CA PRO A 151 -7.85 12.22 -1.18
C PRO A 151 -7.94 13.71 -1.45
N THR A 152 -7.74 14.51 -0.40
CA THR A 152 -7.94 15.95 -0.52
C THR A 152 -6.85 16.67 -1.30
N HIS A 153 -5.60 16.32 -1.06
CA HIS A 153 -4.47 17.13 -1.50
C HIS A 153 -3.68 16.42 -2.59
N SER A 154 -3.25 17.15 -3.57
CA SER A 154 -2.53 16.63 -4.72
C SER A 154 -1.02 16.64 -4.45
N LEU A 155 -0.38 15.57 -4.81
CA LEU A 155 1.07 15.40 -4.73
C LEU A 155 1.68 15.64 -6.10
N GLU A 156 2.18 16.85 -6.32
CA GLU A 156 2.84 17.24 -7.55
C GLU A 156 4.26 16.66 -7.57
N GLY A 157 4.91 16.74 -8.72
CA GLY A 157 6.27 16.28 -8.78
C GLY A 157 6.50 14.81 -8.99
N LEU A 158 5.42 14.08 -9.35
CA LEU A 158 5.45 12.63 -9.46
C LEU A 158 4.89 12.15 -10.80
N SER A 159 4.76 13.05 -11.79
CA SER A 159 4.08 12.64 -12.99
C SER A 159 4.91 11.92 -14.01
N SER A 160 6.24 11.91 -13.91
N SER A 160 6.24 11.95 -13.88
CA SER A 160 7.09 11.20 -14.87
CA SER A 160 7.19 11.36 -14.81
C SER A 160 7.80 10.06 -14.18
C SER A 160 7.84 10.14 -14.16
N SER A 161 7.87 8.90 -14.86
N SER A 161 7.98 9.06 -14.93
CA SER A 161 8.53 7.75 -14.27
CA SER A 161 8.64 7.86 -14.44
C SER A 161 9.96 8.14 -13.86
C SER A 161 10.03 8.19 -13.87
N GLY A 162 10.35 7.66 -12.69
CA GLY A 162 11.59 8.00 -12.05
C GLY A 162 11.53 9.19 -11.12
N ASP A 163 10.40 9.91 -11.07
CA ASP A 163 10.27 11.05 -10.19
C ASP A 163 10.22 10.61 -8.76
N ALA A 164 10.76 11.45 -7.88
CA ALA A 164 10.76 11.23 -6.47
C ALA A 164 10.56 12.54 -5.72
N VAL A 165 9.87 12.49 -4.62
CA VAL A 165 9.66 13.63 -3.72
C VAL A 165 9.76 13.15 -2.28
N ARG A 166 10.15 14.05 -1.39
CA ARG A 166 10.07 13.77 0.03
C ARG A 166 8.72 14.12 0.61
N PHE A 167 8.31 13.31 1.57
CA PHE A 167 7.04 13.53 2.30
C PHE A 167 7.26 13.05 3.71
N GLY A 168 7.51 13.97 4.61
CA GLY A 168 7.82 13.58 5.98
C GLY A 168 8.98 12.62 5.98
N PRO A 169 8.88 11.53 6.73
CA PRO A 169 10.00 10.58 6.88
C PRO A 169 10.13 9.59 5.73
N VAL A 170 9.42 9.77 4.62
CA VAL A 170 9.55 8.86 3.49
C VAL A 170 9.90 9.61 2.22
N GLU A 171 10.30 8.83 1.21
CA GLU A 171 10.40 9.26 -0.18
C GLU A 171 9.30 8.55 -0.97
N LEU A 172 8.58 9.30 -1.76
CA LEU A 172 7.60 8.80 -2.69
C LEU A 172 8.26 8.71 -4.05
N PHE A 173 8.00 7.62 -4.77
CA PHE A 173 8.64 7.36 -6.04
C PHE A 173 7.59 6.85 -7.05
N TYR A 174 7.58 7.44 -8.23
CA TYR A 174 6.70 6.97 -9.28
C TYR A 174 7.51 6.12 -10.25
N PRO A 175 7.32 4.79 -10.30
CA PRO A 175 8.22 3.93 -11.10
C PRO A 175 7.78 3.80 -12.55
N GLY A 176 6.60 4.31 -12.91
CA GLY A 176 5.94 4.02 -14.15
C GLY A 176 4.77 3.08 -13.96
N ALA A 177 4.02 2.89 -15.05
CA ALA A 177 2.84 2.05 -14.99
C ALA A 177 3.20 0.61 -14.67
N ALA A 178 2.36 -0.02 -13.84
CA ALA A 178 2.61 -1.40 -13.41
C ALA A 178 1.26 -2.06 -13.16
N HIS A 179 0.95 -2.26 -11.89
CA HIS A 179 -0.38 -2.68 -11.45
C HIS A 179 -1.45 -1.71 -11.90
N SER A 180 -1.13 -0.43 -11.86
CA SER A 180 -1.98 0.63 -12.35
C SER A 180 -1.08 1.71 -12.95
N THR A 181 -1.67 2.69 -13.67
N THR A 181 -1.71 2.66 -13.65
CA THR A 181 -0.81 3.72 -14.25
CA THR A 181 -0.97 3.74 -14.29
C THR A 181 -0.30 4.69 -13.23
C THR A 181 -0.41 4.74 -13.29
N ASP A 182 -1.01 4.82 -12.11
CA ASP A 182 -0.69 5.81 -11.09
C ASP A 182 0.08 5.26 -9.92
N ASN A 183 0.41 3.99 -9.88
CA ASN A 183 0.93 3.40 -8.65
C ASN A 183 2.24 4.07 -8.23
N LEU A 184 2.30 4.37 -6.94
CA LEU A 184 3.48 4.91 -6.28
C LEU A 184 4.12 3.86 -5.38
N VAL A 185 5.41 4.02 -5.16
CA VAL A 185 6.13 3.25 -4.15
C VAL A 185 6.65 4.22 -3.09
N VAL A 186 6.93 3.68 -1.90
CA VAL A 186 7.35 4.47 -0.76
C VAL A 186 8.61 3.86 -0.15
N TYR A 187 9.62 4.68 0.10
CA TYR A 187 10.84 4.22 0.73
C TYR A 187 11.01 4.96 2.05
N VAL A 188 11.41 4.22 3.10
CA VAL A 188 11.72 4.78 4.41
C VAL A 188 13.22 4.76 4.56
N PRO A 189 13.92 5.88 4.31
CA PRO A 189 15.37 5.84 4.28
C PRO A 189 15.98 5.47 5.61
N SER A 190 15.37 5.83 6.73
CA SER A 190 16.00 5.56 8.03
C SER A 190 16.12 4.07 8.29
N ALA A 191 15.26 3.28 7.65
CA ALA A 191 15.20 1.86 7.91
C ALA A 191 15.42 1.02 6.67
N ASN A 192 15.68 1.60 5.52
CA ASN A 192 15.81 0.88 4.27
C ASN A 192 14.62 -0.04 3.99
N VAL A 193 13.42 0.47 4.26
CA VAL A 193 12.20 -0.25 4.01
C VAL A 193 11.56 0.23 2.70
N LEU A 194 11.35 -0.68 1.79
CA LEU A 194 10.68 -0.37 0.53
C LEU A 194 9.25 -0.93 0.56
N TYR A 195 8.28 -0.06 0.51
CA TYR A 195 6.88 -0.40 0.41
C TYR A 195 6.47 -0.33 -1.06
N GLY A 196 6.30 -1.47 -1.68
CA GLY A 196 6.01 -1.49 -3.10
C GLY A 196 4.58 -1.26 -3.47
N GLY A 197 3.68 -1.38 -2.53
CA GLY A 197 2.28 -1.38 -2.87
C GLY A 197 1.94 -2.47 -3.89
N CYS A 198 0.88 -2.25 -4.67
CA CYS A 198 0.37 -3.33 -5.50
C CYS A 198 1.23 -3.55 -6.74
N ALA A 199 2.20 -2.69 -7.04
CA ALA A 199 3.20 -2.97 -8.05
C ALA A 199 4.14 -4.12 -7.69
N VAL A 200 4.14 -4.55 -6.42
CA VAL A 200 5.05 -5.59 -5.96
C VAL A 200 4.22 -6.71 -5.36
N HIS A 201 4.49 -7.92 -5.76
CA HIS A 201 3.87 -9.13 -5.25
C HIS A 201 4.73 -9.85 -4.26
N GLU A 202 4.05 -10.63 -3.40
CA GLU A 202 4.72 -11.50 -2.48
C GLU A 202 5.33 -12.70 -3.21
N LEU A 203 6.27 -13.34 -2.55
CA LEU A 203 6.99 -14.49 -3.15
C LEU A 203 6.09 -15.66 -3.49
N SER A 204 5.01 -15.89 -2.75
CA SER A 204 4.12 -17.01 -3.10
C SER A 204 3.20 -16.73 -4.31
N SER A 205 3.20 -15.50 -4.82
N SER A 205 3.15 -15.50 -4.79
CA SER A 205 2.36 -15.15 -5.96
CA SER A 205 2.23 -15.18 -5.87
C SER A 205 2.63 -16.05 -7.15
C SER A 205 2.60 -15.93 -7.15
N THR A 206 1.54 -16.40 -7.85
CA THR A 206 1.61 -17.20 -9.05
C THR A 206 1.03 -16.47 -10.21
N SER A 207 0.51 -15.27 -10.00
CA SER A 207 -0.22 -14.60 -11.04
C SER A 207 -0.11 -13.11 -10.75
N ALA A 208 -0.35 -12.38 -11.76
CA ALA A 208 -0.26 -10.95 -11.59
C ALA A 208 -1.40 -10.39 -10.75
N GLY A 209 -2.30 -11.13 -10.07
CA GLY A 209 -3.32 -10.46 -9.25
C GLY A 209 -4.42 -9.86 -10.10
N ASN A 210 -5.02 -8.75 -9.61
CA ASN A 210 -6.07 -8.09 -10.36
C ASN A 210 -5.43 -7.14 -11.39
N VAL A 211 -5.50 -7.50 -12.67
N VAL A 211 -5.46 -7.50 -12.66
CA VAL A 211 -4.72 -6.89 -13.74
CA VAL A 211 -4.70 -6.84 -13.73
C VAL A 211 -5.56 -5.97 -14.63
C VAL A 211 -5.58 -6.00 -14.65
N ALA A 212 -6.81 -5.74 -14.26
CA ALA A 212 -7.68 -5.03 -15.20
C ALA A 212 -7.15 -3.64 -15.56
N ASP A 213 -6.43 -3.01 -14.65
CA ASP A 213 -5.96 -1.63 -14.84
C ASP A 213 -4.46 -1.60 -15.03
N ALA A 214 -3.85 -2.75 -15.25
CA ALA A 214 -2.42 -2.89 -15.26
C ALA A 214 -1.84 -2.64 -16.65
N ASP A 215 -0.54 -2.46 -16.71
CA ASP A 215 0.19 -2.41 -17.97
C ASP A 215 1.22 -3.51 -17.88
N LEU A 216 0.87 -4.71 -18.39
CA LEU A 216 1.75 -5.85 -18.26
C LEU A 216 3.06 -5.63 -19.03
N ALA A 217 2.99 -4.93 -20.15
CA ALA A 217 4.18 -4.66 -20.95
C ALA A 217 5.17 -3.71 -20.26
N GLU A 218 4.67 -2.69 -19.54
CA GLU A 218 5.54 -1.75 -18.86
C GLU A 218 5.94 -2.21 -17.48
N TRP A 219 5.15 -3.06 -16.85
CA TRP A 219 5.41 -3.47 -15.47
C TRP A 219 6.84 -3.93 -15.19
N PRO A 220 7.44 -4.82 -15.98
CA PRO A 220 8.84 -5.19 -15.70
C PRO A 220 9.75 -4.00 -15.74
N THR A 221 9.57 -3.09 -16.71
CA THR A 221 10.40 -1.90 -16.80
C THR A 221 10.25 -1.00 -15.58
N SER A 222 9.03 -0.87 -15.07
CA SER A 222 8.78 -0.14 -13.84
C SER A 222 9.43 -0.78 -12.63
N VAL A 223 9.36 -2.12 -12.54
CA VAL A 223 10.07 -2.80 -11.46
C VAL A 223 11.57 -2.61 -11.56
N GLU A 224 12.13 -2.68 -12.78
N GLU A 224 12.13 -2.68 -12.78
CA GLU A 224 13.57 -2.46 -12.93
CA GLU A 224 13.56 -2.44 -13.00
C GLU A 224 13.95 -1.06 -12.45
C GLU A 224 13.95 -1.05 -12.51
N ARG A 225 13.07 -0.07 -12.65
CA ARG A 225 13.35 1.28 -12.14
C ARG A 225 13.44 1.24 -10.63
N ILE A 226 12.50 0.52 -9.97
CA ILE A 226 12.54 0.39 -8.52
C ILE A 226 13.85 -0.28 -8.09
N GLN A 227 14.23 -1.38 -8.74
CA GLN A 227 15.46 -2.09 -8.40
C GLN A 227 16.67 -1.17 -8.49
N LYS A 228 16.71 -0.36 -9.54
CA LYS A 228 17.84 0.52 -9.75
C LYS A 228 17.87 1.64 -8.74
N HIS A 229 16.70 2.15 -8.36
CA HIS A 229 16.68 3.31 -7.47
C HIS A 229 16.88 2.96 -6.00
N TYR A 230 16.56 1.74 -5.56
CA TYR A 230 16.60 1.34 -4.16
C TYR A 230 17.41 0.07 -3.97
N PRO A 231 18.69 0.07 -4.37
CA PRO A 231 19.50 -1.12 -4.23
C PRO A 231 19.87 -1.49 -2.82
N GLU A 232 19.63 -0.64 -1.82
CA GLU A 232 19.96 -0.94 -0.45
C GLU A 232 18.75 -1.34 0.36
N ALA A 233 17.60 -1.49 -0.29
CA ALA A 233 16.42 -1.90 0.47
C ALA A 233 16.68 -3.24 1.20
N GLU A 234 16.31 -3.27 2.46
CA GLU A 234 16.42 -4.46 3.29
C GLU A 234 15.14 -5.23 3.48
N VAL A 235 14.03 -4.56 3.54
CA VAL A 235 12.69 -5.14 3.65
C VAL A 235 11.90 -4.58 2.46
N VAL A 236 11.19 -5.47 1.77
CA VAL A 236 10.28 -5.12 0.70
C VAL A 236 8.90 -5.62 1.10
N ILE A 237 7.93 -4.71 1.11
CA ILE A 237 6.57 -5.00 1.50
C ILE A 237 5.66 -4.95 0.29
N PRO A 238 4.98 -6.04 -0.04
CA PRO A 238 4.05 -6.05 -1.17
C PRO A 238 2.74 -5.41 -0.79
N GLY A 239 1.91 -5.11 -1.80
CA GLY A 239 0.59 -4.58 -1.52
C GLY A 239 -0.33 -5.54 -0.81
N HIS A 240 -0.12 -6.82 -1.01
CA HIS A 240 -0.89 -7.90 -0.42
CA HIS A 240 -0.81 -7.85 -0.29
C HIS A 240 0.14 -8.99 -0.06
N GLY A 241 0.09 -9.54 1.15
CA GLY A 241 0.89 -10.73 1.50
C GLY A 241 2.16 -10.40 2.27
N LEU A 242 3.09 -11.35 2.24
N LEU A 242 3.04 -11.37 2.33
CA LEU A 242 4.20 -11.39 3.19
CA LEU A 242 4.16 -11.31 3.27
C LEU A 242 5.37 -10.52 2.77
C LEU A 242 5.28 -10.41 2.76
N PRO A 243 5.91 -9.67 3.66
CA PRO A 243 7.17 -8.97 3.34
C PRO A 243 8.32 -9.95 3.16
N GLY A 244 9.32 -9.52 2.43
CA GLY A 244 10.57 -10.25 2.28
C GLY A 244 11.68 -9.29 1.97
N GLY A 245 12.63 -9.73 1.16
CA GLY A 245 13.74 -8.88 0.75
C GLY A 245 13.60 -8.47 -0.72
N LEU A 246 14.75 -8.09 -1.31
CA LEU A 246 14.75 -7.56 -2.64
C LEU A 246 14.21 -8.56 -3.66
N ASP A 247 14.28 -9.86 -3.38
CA ASP A 247 13.76 -10.84 -4.33
C ASP A 247 12.32 -10.65 -4.70
N LEU A 248 11.53 -10.00 -3.86
CA LEU A 248 10.15 -9.78 -4.26
C LEU A 248 10.10 -9.02 -5.58
N LEU A 249 11.04 -8.10 -5.80
CA LEU A 249 11.02 -7.32 -7.03
C LEU A 249 11.23 -8.21 -8.28
N GLN A 250 12.27 -9.00 -8.28
CA GLN A 250 12.52 -9.88 -9.40
C GLN A 250 11.38 -10.88 -9.57
N HIS A 251 10.88 -11.43 -8.47
CA HIS A 251 9.77 -12.36 -8.56
C HIS A 251 8.56 -11.72 -9.23
N THR A 252 8.24 -10.49 -8.84
CA THR A 252 7.14 -9.79 -9.45
C THR A 252 7.34 -9.65 -10.96
N ALA A 253 8.52 -9.21 -11.38
CA ALA A 253 8.81 -9.08 -12.81
C ALA A 253 8.62 -10.41 -13.50
N ASN A 254 9.10 -11.47 -12.90
CA ASN A 254 9.00 -12.79 -13.49
C ASN A 254 7.55 -13.20 -13.68
N VAL A 255 6.71 -13.04 -12.64
CA VAL A 255 5.33 -13.45 -12.72
C VAL A 255 4.58 -12.65 -13.76
N VAL A 256 4.81 -11.36 -13.79
CA VAL A 256 4.11 -10.52 -14.73
C VAL A 256 4.48 -10.89 -16.14
N LYS A 257 5.79 -11.12 -16.42
CA LYS A 257 6.23 -11.45 -17.79
C LYS A 257 5.60 -12.76 -18.21
N ALA A 258 5.50 -13.70 -17.28
CA ALA A 258 5.01 -15.01 -17.66
C ALA A 258 3.48 -14.96 -17.87
N HIS A 259 2.81 -14.06 -17.14
CA HIS A 259 1.37 -13.95 -17.25
C HIS A 259 1.05 -13.37 -18.60
N LYS A 260 1.64 -12.20 -18.90
CA LYS A 260 1.54 -11.64 -20.24
C LYS A 260 1.81 -12.70 -21.30
N ASN A 261 2.91 -13.43 -21.17
CA ASN A 261 3.23 -14.48 -22.14
C ASN A 261 2.20 -15.61 -22.09
ZN ZN B . -5.03 -2.02 -7.21
ZN ZN C . -3.96 -4.12 -4.52
C10 XMU D . -12.07 -2.45 -12.89
C12 XMU D . -11.86 -2.98 -10.42
C13 XMU D . -11.10 -3.32 -9.32
C14 XMU D . -8.77 -5.53 -5.63
C15 XMU D . -9.87 -6.31 -5.40
C16 XMU D . -9.80 -7.74 -5.21
C17 XMU D . -8.59 -8.44 -5.15
C01 XMU D . -9.42 -3.36 -4.58
C02 XMU D . -8.78 -4.00 -5.79
C04 XMU D . -8.92 -3.89 -8.22
C06 XMU D . -9.72 -3.52 -9.46
C07 XMU D . -9.10 -3.37 -10.69
C08 XMU D . -9.87 -3.02 -11.78
C09 XMU D . -11.24 -2.82 -11.66
C18 XMU D . -7.42 -7.66 -5.53
C19 XMU D . -6.02 -7.96 -5.70
C20 XMU D . -5.44 -9.34 -5.58
C21 XMU D . -4.25 -9.54 -4.83
C22 XMU D . -3.78 -10.85 -4.77
C23 XMU D . -4.44 -11.87 -5.48
C24 XMU D . -3.83 -13.27 -5.42
C26 XMU D . -5.67 -14.71 -5.13
C27 XMU D . -6.48 -15.67 -4.25
C29 XMU D . -4.29 -16.40 -3.43
C30 XMU D . -3.66 -15.09 -3.92
C32 XMU D . -6.03 -10.39 -6.28
C33 XMU D . -5.37 -6.78 -5.96
C34 XMU D . -3.94 -6.57 -6.25
C38 XMU D . -7.55 -6.27 -5.67
N03 XMU D . -9.53 -3.62 -6.94
N11 XMU D . -13.13 -1.51 -12.58
N25 XMU D . -4.55 -14.11 -4.48
N31 XMU D . -5.52 -11.65 -6.22
N37 XMU D . -6.26 -5.79 -5.91
O05 XMU D . -7.79 -4.37 -8.27
O28 XMU D . -5.72 -16.50 -3.37
O35 XMU D . -3.40 -7.41 -7.04
O36 XMU D . -3.41 -5.41 -5.93
H101 XMU D . -11.42 -2.01 -13.63
H102 XMU D . -12.52 -3.34 -13.29
H121 XMU D . -12.93 -2.85 -10.33
H131 XMU D . -11.56 -3.45 -8.34
H151 XMU D . -10.84 -5.82 -5.34
H161 XMU D . -10.74 -8.30 -5.13
H171 XMU D . -8.53 -9.48 -4.85
H012 XMU D . -9.29 -2.29 -4.63
H013 XMU D . -10.47 -3.60 -4.56
H011 XMU D . -8.95 -3.74 -3.68
H021 XMU D . -7.75 -3.66 -5.91
H071 XMU D . -8.04 -3.55 -10.79
H081 XMU D . -9.39 -2.88 -12.74
H211 XMU D . -3.75 -8.72 -4.32
H221 XMU D . -2.88 -11.08 -4.19
H241 XMU D . -3.87 -13.73 -6.40
H242 XMU D . -2.79 -13.20 -5.10
H262 XMU D . -5.31 -15.27 -5.99
H261 XMU D . -6.34 -13.92 -5.46
H272 XMU D . -7.16 -15.07 -3.65
H271 XMU D . -7.05 -16.31 -4.90
H291 XMU D . -3.92 -16.59 -2.42
H292 XMU D . -3.95 -17.19 -4.09
H302 XMU D . -3.16 -14.63 -3.06
H301 XMU D . -2.92 -15.34 -4.67
H321 XMU D . -6.92 -10.20 -6.88
H031 XMU D . -10.43 -3.19 -6.86
H112 XMU D . -13.66 -1.33 -13.41
H111 XMU D . -13.72 -1.89 -11.88
H371 XMU D . -6.03 -4.82 -6.01
#